data_8CX8
#
_entry.id   8CX8
#
_cell.length_a   71.633
_cell.length_b   78.622
_cell.length_c   87.337
_cell.angle_alpha   90.000
_cell.angle_beta   90.000
_cell.angle_gamma   90.000
#
_symmetry.space_group_name_H-M   'P 21 21 21'
#
loop_
_entity.id
_entity.type
_entity.pdbx_description
1 polymer 'rRNA N-glycosylase'
2 non-polymer '5-(4-chlorophenyl)furan-2-carboxylic acid'
3 non-polymer 1,2-ETHANEDIOL
4 non-polymer 'CHLORIDE ION'
5 non-polymer 'SULFATE ION'
6 water water
#
_entity_poly.entity_id   1
_entity_poly.type   'polypeptide(L)'
_entity_poly.pdbx_seq_one_letter_code
;MREFTIDFSTQQSYVSSLNSIRTEISTPLEHISQGTTSVSVINHTPPGSYFAVDIRGLDVYQARFDHLRLIIEQNNLYVA
GFVNTATNTFYRFSDFTHISVPGVTTVSMTTDSSYTTLQRVAALERSGMQISRHSLVSSYLALMEFSGNTMTRDASRAVL
RFVTVTAEALRFRQIQREFRQALSETAPVYTMTPGDVDLTLNWGRISNVLPEYRGEDGVRVGRISFNNISAILGTVAVIL
NCHHQGARSVR
;
_entity_poly.pdbx_strand_id   A,B
#
# COMPACT_ATOMS: atom_id res chain seq x y z
N ARG A 2 -0.76 23.48 -13.75
CA ARG A 2 -0.09 24.23 -12.70
C ARG A 2 1.33 23.70 -12.50
N GLU A 3 2.29 24.62 -12.42
CA GLU A 3 3.71 24.28 -12.42
C GLU A 3 4.37 24.81 -11.16
N PHE A 4 5.20 23.95 -10.55
CA PHE A 4 6.02 24.29 -9.39
C PHE A 4 7.46 23.93 -9.71
N THR A 5 8.38 24.57 -9.00
CA THR A 5 9.80 24.28 -9.11
C THR A 5 10.28 23.62 -7.82
N ILE A 6 11.06 22.56 -7.95
CA ILE A 6 11.87 22.05 -6.85
C ILE A 6 13.30 22.43 -7.15
N ASP A 7 13.87 23.27 -6.29
CA ASP A 7 15.17 23.89 -6.52
C ASP A 7 16.21 23.21 -5.63
N PHE A 8 17.14 22.49 -6.25
CA PHE A 8 18.18 21.77 -5.54
C PHE A 8 19.44 22.60 -5.29
N SER A 9 19.38 23.92 -5.49
CA SER A 9 20.56 24.77 -5.34
C SER A 9 21.19 24.63 -3.96
N THR A 10 20.38 24.74 -2.92
CA THR A 10 20.88 24.69 -1.54
C THR A 10 19.90 23.87 -0.71
N GLN A 11 20.35 23.53 0.50
CA GLN A 11 19.47 22.85 1.45
C GLN A 11 18.22 23.67 1.72
N GLN A 12 18.37 25.00 1.83
CA GLN A 12 17.23 25.84 2.17
C GLN A 12 16.30 26.03 0.97
N SER A 13 16.83 26.12 -0.25
CA SER A 13 15.96 26.25 -1.41
C SER A 13 15.17 24.96 -1.65
N TYR A 14 15.77 23.82 -1.38
CA TYR A 14 15.08 22.53 -1.54
C TYR A 14 13.91 22.43 -0.56
N VAL A 15 14.17 22.70 0.72
CA VAL A 15 13.11 22.62 1.73
C VAL A 15 12.02 23.66 1.47
N SER A 16 12.40 24.90 1.15
CA SER A 16 11.35 25.91 0.96
C SER A 16 10.54 25.63 -0.31
N SER A 17 11.18 25.12 -1.38
CA SER A 17 10.38 24.82 -2.58
C SER A 17 9.43 23.64 -2.33
N LEU A 18 9.85 22.64 -1.54
CA LEU A 18 8.93 21.57 -1.16
C LEU A 18 7.79 22.11 -0.30
N ASN A 19 8.10 23.00 0.65
CA ASN A 19 7.06 23.60 1.49
C ASN A 19 6.07 24.41 0.65
N SER A 20 6.57 25.18 -0.33
CA SER A 20 5.67 25.96 -1.17
C SER A 20 4.66 25.06 -1.88
N ILE A 21 5.11 23.91 -2.38
CA ILE A 21 4.19 22.97 -3.01
C ILE A 21 3.17 22.46 -2.00
N ARG A 22 3.65 22.04 -0.82
CA ARG A 22 2.74 21.52 0.20
C ARG A 22 1.68 22.54 0.59
N THR A 23 2.06 23.81 0.75
CA THR A 23 1.07 24.82 1.10
C THR A 23 0.02 24.98 0.00
N GLU A 24 0.39 24.78 -1.27
CA GLU A 24 -0.58 24.98 -2.35
C GLU A 24 -1.53 23.83 -2.54
N ILE A 25 -1.12 22.60 -2.22
CA ILE A 25 -1.92 21.42 -2.56
C ILE A 25 -2.58 20.77 -1.35
N SER A 26 -2.31 21.24 -0.12
CA SER A 26 -2.78 20.52 1.07
C SER A 26 -3.11 21.51 2.17
N THR A 27 -3.81 21.02 3.20
CA THR A 27 -4.27 21.83 4.32
C THR A 27 -3.84 21.19 5.63
N PRO A 28 -3.30 21.96 6.59
CA PRO A 28 -2.80 21.36 7.83
C PRO A 28 -3.90 20.71 8.67
N LEU A 29 -3.53 19.59 9.31
CA LEU A 29 -4.41 18.95 10.29
C LEU A 29 -4.41 19.76 11.58
N GLU A 30 -5.61 20.03 12.10
CA GLU A 30 -5.75 20.85 13.31
C GLU A 30 -4.98 20.26 14.49
N HIS A 31 -5.09 18.95 14.69
CA HIS A 31 -4.52 18.33 15.87
C HIS A 31 -3.05 17.95 15.73
N ILE A 32 -2.46 18.11 14.54
CA ILE A 32 -1.04 17.75 14.38
C ILE A 32 -0.29 18.94 13.79
N SER A 33 -0.07 19.97 14.62
CA SER A 33 0.60 21.19 14.20
C SER A 33 1.37 21.76 15.38
N GLN A 34 2.61 22.19 15.13
CA GLN A 34 3.40 22.92 16.11
C GLN A 34 4.12 24.05 15.40
N GLY A 35 3.84 25.29 15.82
CA GLY A 35 4.44 26.40 15.10
C GLY A 35 3.94 26.43 13.68
N THR A 36 4.86 26.59 12.73
CA THR A 36 4.52 26.62 11.32
C THR A 36 4.59 25.24 10.67
N THR A 37 4.79 24.18 11.45
CA THR A 37 5.01 22.84 10.91
C THR A 37 3.79 21.97 11.18
N SER A 38 3.33 21.25 10.16
CA SER A 38 2.13 20.43 10.34
C SER A 38 2.23 19.19 9.46
N VAL A 39 1.35 18.24 9.77
CA VAL A 39 0.92 17.22 8.82
C VAL A 39 -0.28 17.79 8.06
N SER A 40 -0.22 17.75 6.74
CA SER A 40 -1.27 18.32 5.92
C SER A 40 -1.95 17.24 5.09
N VAL A 41 -3.24 17.44 4.83
CA VAL A 41 -4.05 16.53 4.02
C VAL A 41 -4.20 17.13 2.62
N ILE A 42 -3.96 16.33 1.58
CA ILE A 42 -4.09 16.81 0.21
C ILE A 42 -5.51 17.30 -0.04
N ASN A 43 -5.63 18.52 -0.58
CA ASN A 43 -6.93 19.06 -0.93
C ASN A 43 -7.56 18.22 -2.03
N HIS A 44 -8.88 18.03 -1.95
CA HIS A 44 -9.56 17.23 -2.95
C HIS A 44 -9.57 17.93 -4.31
N THR A 45 -9.23 17.18 -5.34
CA THR A 45 -9.30 17.64 -6.73
C THR A 45 -9.96 16.57 -7.58
N PRO A 46 -10.49 16.93 -8.73
CA PRO A 46 -11.17 15.94 -9.59
C PRO A 46 -10.21 14.85 -10.02
N PRO A 47 -10.71 13.65 -10.35
CA PRO A 47 -9.83 12.58 -10.82
C PRO A 47 -9.09 12.99 -12.09
N GLY A 48 -7.81 12.65 -12.15
CA GLY A 48 -6.98 13.05 -13.26
C GLY A 48 -6.27 14.39 -13.10
N SER A 49 -6.54 15.12 -12.02
CA SER A 49 -5.81 16.37 -11.78
C SER A 49 -4.34 16.07 -11.56
N TYR A 50 -3.48 16.95 -12.08
CA TYR A 50 -2.04 16.79 -11.92
C TYR A 50 -1.42 18.17 -11.79
N PHE A 51 -0.15 18.19 -11.36
CA PHE A 51 0.66 19.39 -11.43
C PHE A 51 2.03 19.00 -11.97
N ALA A 52 2.77 20.01 -12.43
CA ALA A 52 4.11 19.78 -12.95
C ALA A 52 5.16 20.22 -11.93
N VAL A 53 6.27 19.50 -11.90
CA VAL A 53 7.43 19.89 -11.11
C VAL A 53 8.62 20.10 -12.04
N ASP A 54 9.12 21.32 -12.09
CA ASP A 54 10.33 21.65 -12.82
C ASP A 54 11.54 21.45 -11.92
N ILE A 55 12.49 20.62 -12.35
CA ILE A 55 13.69 20.34 -11.59
C ILE A 55 14.71 21.44 -11.90
N ARG A 56 15.18 22.14 -10.87
CA ARG A 56 16.11 23.25 -11.07
C ARG A 56 17.27 23.12 -10.09
N GLY A 57 18.37 23.80 -10.41
CA GLY A 57 19.45 23.96 -9.46
C GLY A 57 20.30 22.72 -9.20
N LEU A 58 20.30 21.73 -10.12
CA LEU A 58 21.17 20.58 -9.94
C LEU A 58 22.64 20.96 -9.96
N ASP A 59 22.99 22.03 -10.68
CA ASP A 59 24.32 22.62 -10.65
C ASP A 59 24.17 23.99 -9.99
N VAL A 60 24.84 24.18 -8.86
CA VAL A 60 24.68 25.41 -8.09
C VAL A 60 25.26 26.59 -8.83
N ALA A 63 23.16 28.05 -14.69
CA ALA A 63 21.82 27.57 -15.01
C ALA A 63 21.85 26.55 -16.15
N ARG A 64 22.01 25.29 -15.77
CA ARG A 64 22.10 24.18 -16.71
C ARG A 64 21.26 23.04 -16.14
N PHE A 65 21.14 21.97 -16.91
CA PHE A 65 20.39 20.79 -16.51
C PHE A 65 18.95 21.15 -16.15
N ASP A 66 18.32 21.98 -16.99
CA ASP A 66 17.02 22.55 -16.64
C ASP A 66 15.90 22.11 -17.57
N HIS A 67 16.02 20.98 -18.25
CA HIS A 67 14.99 20.56 -19.17
C HIS A 67 14.16 19.38 -18.68
N LEU A 68 14.24 19.02 -17.40
CA LEU A 68 13.48 17.88 -16.86
C LEU A 68 12.29 18.38 -16.05
N ARG A 69 11.12 17.82 -16.34
CA ARG A 69 9.88 18.13 -15.64
C ARG A 69 9.18 16.81 -15.30
N LEU A 70 8.64 16.73 -14.09
CA LEU A 70 7.88 15.57 -13.65
C LEU A 70 6.41 15.91 -13.65
N ILE A 71 5.57 14.95 -14.03
CA ILE A 71 4.12 15.08 -14.00
C ILE A 71 3.62 14.24 -12.83
N ILE A 72 2.91 14.88 -11.90
CA ILE A 72 2.53 14.24 -10.65
C ILE A 72 1.01 14.28 -10.52
N GLU A 73 0.38 13.13 -10.29
CA GLU A 73 -1.06 13.13 -10.04
C GLU A 73 -1.32 13.74 -8.66
N GLN A 74 -2.24 14.70 -8.60
CA GLN A 74 -2.29 15.56 -7.42
C GLN A 74 -2.87 14.83 -6.21
N ASN A 75 -3.89 13.99 -6.42
CA ASN A 75 -4.58 13.40 -5.28
C ASN A 75 -3.74 12.37 -4.54
N ASN A 76 -2.76 11.75 -5.20
CA ASN A 76 -2.00 10.66 -4.59
C ASN A 76 -0.49 10.84 -4.68
N LEU A 77 -0.01 11.88 -5.36
CA LEU A 77 1.40 12.23 -5.49
C LEU A 77 2.21 11.16 -6.24
N TYR A 78 1.56 10.29 -7.01
CA TYR A 78 2.30 9.36 -7.86
C TYR A 78 2.81 10.08 -9.10
N VAL A 79 4.00 9.70 -9.55
CA VAL A 79 4.61 10.31 -10.72
C VAL A 79 4.07 9.60 -11.95
N ALA A 80 3.33 10.34 -12.77
CA ALA A 80 2.73 9.79 -13.99
C ALA A 80 3.73 9.63 -15.12
N GLY A 81 4.86 10.31 -15.04
CA GLY A 81 5.85 10.27 -16.11
C GLY A 81 6.72 11.51 -16.04
N PHE A 82 7.51 11.72 -17.09
CA PHE A 82 8.42 12.84 -17.09
C PHE A 82 8.41 13.52 -18.45
N VAL A 83 8.70 14.80 -18.46
CA VAL A 83 8.68 15.62 -19.66
C VAL A 83 10.11 16.07 -19.96
N ASN A 84 10.55 15.82 -21.18
CA ASN A 84 11.74 16.47 -21.72
C ASN A 84 11.30 17.78 -22.34
N THR A 85 11.60 18.92 -21.68
CA THR A 85 11.14 20.18 -22.22
C THR A 85 11.99 20.70 -23.38
N ALA A 86 13.16 20.10 -23.61
CA ALA A 86 13.94 20.44 -24.80
C ALA A 86 13.29 19.86 -26.05
N THR A 87 12.86 18.60 -26.00
CA THR A 87 12.16 18.02 -27.14
C THR A 87 10.64 18.17 -27.06
N ASN A 88 10.12 18.65 -25.92
CA ASN A 88 8.67 18.79 -25.71
C ASN A 88 7.97 17.43 -25.82
N THR A 89 8.44 16.46 -25.03
CA THR A 89 7.94 15.09 -25.10
C THR A 89 7.61 14.59 -23.69
N PHE A 90 6.40 14.03 -23.51
CA PHE A 90 5.94 13.48 -22.23
C PHE A 90 6.00 11.95 -22.32
N TYR A 91 6.90 11.35 -21.56
CA TYR A 91 7.02 9.89 -21.47
C TYR A 91 6.17 9.43 -20.29
N ARG A 92 5.05 8.77 -20.60
CA ARG A 92 3.98 8.53 -19.65
C ARG A 92 3.89 7.04 -19.34
N PHE A 93 3.81 6.70 -18.06
CA PHE A 93 3.73 5.31 -17.65
C PHE A 93 2.40 4.70 -18.13
N SER A 94 2.41 3.38 -18.29
CA SER A 94 1.26 2.70 -18.90
C SER A 94 0.02 2.73 -18.02
N ASP A 95 0.18 2.94 -16.71
CA ASP A 95 -0.97 3.00 -15.83
C ASP A 95 -1.43 4.44 -15.55
N PHE A 96 -1.06 5.39 -16.42
CA PHE A 96 -1.51 6.77 -16.26
C PHE A 96 -2.03 7.34 -17.58
N THR A 97 -2.69 6.51 -18.39
CA THR A 97 -3.21 7.00 -19.65
C THR A 97 -4.36 8.00 -19.46
N HIS A 98 -4.87 8.15 -18.25
CA HIS A 98 -5.90 9.15 -18.00
C HIS A 98 -5.32 10.55 -17.77
N ILE A 99 -4.01 10.70 -17.72
CA ILE A 99 -3.35 11.99 -17.49
C ILE A 99 -2.99 12.56 -18.86
N SER A 100 -3.68 13.62 -19.26
N SER A 100 -3.67 13.63 -19.25
CA SER A 100 -3.50 14.24 -20.57
CA SER A 100 -3.50 14.24 -20.57
C SER A 100 -2.89 15.63 -20.37
C SER A 100 -2.90 15.64 -20.41
N VAL A 101 -1.70 15.83 -20.94
CA VAL A 101 -1.01 17.12 -20.91
C VAL A 101 -1.08 17.72 -22.31
N PRO A 102 -1.79 18.83 -22.51
CA PRO A 102 -1.88 19.43 -23.83
C PRO A 102 -0.59 20.16 -24.21
N GLY A 103 -0.37 20.27 -25.52
CA GLY A 103 0.78 20.98 -26.04
C GLY A 103 2.08 20.20 -26.06
N VAL A 104 2.10 18.99 -25.53
CA VAL A 104 3.31 18.18 -25.53
C VAL A 104 3.02 16.92 -26.34
N THR A 105 4.06 16.36 -26.94
CA THR A 105 3.95 15.07 -27.62
C THR A 105 3.97 13.98 -26.55
N THR A 106 2.91 13.18 -26.47
CA THR A 106 2.79 12.16 -25.43
C THR A 106 3.23 10.81 -25.98
N VAL A 107 4.21 10.19 -25.31
CA VAL A 107 4.63 8.84 -25.63
C VAL A 107 4.06 7.89 -24.59
N SER A 108 3.19 6.98 -25.02
CA SER A 108 2.58 6.01 -24.10
C SER A 108 3.54 4.85 -23.90
N MET A 109 4.18 4.80 -22.75
CA MET A 109 5.19 3.77 -22.54
C MET A 109 4.53 2.43 -22.25
N THR A 110 5.28 1.35 -22.54
CA THR A 110 4.86 0.00 -22.19
C THR A 110 5.09 -0.35 -20.73
N THR A 111 5.84 0.47 -20.01
CA THR A 111 6.26 0.23 -18.64
C THR A 111 5.29 0.93 -17.69
N ASP A 112 4.93 0.24 -16.62
CA ASP A 112 4.09 0.83 -15.60
C ASP A 112 4.95 1.51 -14.53
N SER A 113 4.30 2.34 -13.73
CA SER A 113 4.95 3.20 -12.73
C SER A 113 5.34 2.47 -11.45
N SER A 114 4.99 1.20 -11.28
CA SER A 114 5.13 0.59 -9.95
C SER A 114 6.60 0.44 -9.56
N TYR A 115 6.88 0.60 -8.27
CA TYR A 115 8.23 0.33 -7.77
C TYR A 115 8.65 -1.11 -8.11
N THR A 116 7.72 -2.05 -8.03
CA THR A 116 8.01 -3.43 -8.40
C THR A 116 8.61 -3.50 -9.80
N THR A 117 7.93 -2.85 -10.76
CA THR A 117 8.42 -2.89 -12.14
C THR A 117 9.71 -2.11 -12.30
N LEU A 118 9.76 -0.90 -11.75
CA LEU A 118 10.91 -0.02 -11.94
C LEU A 118 12.17 -0.62 -11.33
N GLN A 119 12.06 -1.25 -10.14
CA GLN A 119 13.23 -1.88 -9.54
C GLN A 119 13.72 -3.07 -10.37
N ARG A 120 12.80 -3.81 -11.02
CA ARG A 120 13.23 -4.90 -11.89
C ARG A 120 14.01 -4.36 -13.08
N VAL A 121 13.42 -3.39 -13.80
CA VAL A 121 14.10 -2.85 -14.97
C VAL A 121 15.40 -2.17 -14.58
N ALA A 122 15.41 -1.48 -13.45
CA ALA A 122 16.60 -0.77 -12.99
C ALA A 122 17.66 -1.71 -12.44
N ALA A 123 17.29 -2.96 -12.13
CA ALA A 123 18.15 -3.88 -11.41
C ALA A 123 18.75 -3.18 -10.18
N LEU A 124 17.88 -2.54 -9.41
CA LEU A 124 18.29 -1.68 -8.31
C LEU A 124 17.20 -1.71 -7.26
N GLU A 125 17.51 -2.20 -6.07
CA GLU A 125 16.57 -2.15 -4.95
C GLU A 125 16.65 -0.81 -4.24
N ARG A 126 15.48 -0.31 -3.79
CA ARG A 126 15.45 0.98 -3.12
C ARG A 126 16.10 0.93 -1.76
N SER A 127 15.99 -0.21 -1.06
CA SER A 127 16.65 -0.39 0.22
C SER A 127 18.16 -0.44 0.03
N GLY A 128 18.87 0.58 0.52
CA GLY A 128 20.28 0.73 0.27
C GLY A 128 20.64 1.59 -0.92
N MET A 129 19.66 2.05 -1.68
CA MET A 129 19.91 2.92 -2.83
C MET A 129 20.52 4.25 -2.38
N GLN A 130 21.56 4.70 -3.09
CA GLN A 130 22.28 5.91 -2.74
C GLN A 130 21.96 7.02 -3.73
N ILE A 131 21.82 8.24 -3.19
CA ILE A 131 21.48 9.42 -3.98
C ILE A 131 22.39 10.56 -3.55
N SER A 132 22.98 11.24 -4.52
CA SER A 132 23.83 12.38 -4.27
C SER A 132 23.51 13.46 -5.29
N ARG A 133 24.08 14.65 -5.12
CA ARG A 133 23.93 15.64 -6.18
C ARG A 133 24.49 15.08 -7.48
N HIS A 134 25.64 14.39 -7.40
CA HIS A 134 26.27 13.85 -8.60
C HIS A 134 25.36 12.84 -9.29
N SER A 135 24.78 11.90 -8.53
CA SER A 135 23.92 10.91 -9.16
C SER A 135 22.59 11.49 -9.62
N LEU A 136 22.15 12.62 -9.05
CA LEU A 136 20.98 13.28 -9.63
C LEU A 136 21.32 13.93 -10.98
N VAL A 137 22.54 14.47 -11.11
CA VAL A 137 22.98 14.97 -12.41
C VAL A 137 23.06 13.82 -13.41
N SER A 138 23.69 12.70 -13.00
CA SER A 138 23.74 11.52 -13.88
C SER A 138 22.34 11.05 -14.24
N SER A 139 21.42 11.05 -13.27
CA SER A 139 20.04 10.65 -13.55
C SER A 139 19.36 11.59 -14.52
N TYR A 140 19.57 12.90 -14.35
CA TYR A 140 19.06 13.89 -15.29
C TYR A 140 19.51 13.60 -16.71
N LEU A 141 20.81 13.34 -16.90
CA LEU A 141 21.31 13.09 -18.24
C LEU A 141 20.73 11.81 -18.83
N ALA A 142 20.49 10.81 -18.00
CA ALA A 142 19.88 9.58 -18.51
C ALA A 142 18.47 9.84 -19.01
N LEU A 143 17.70 10.64 -18.28
CA LEU A 143 16.33 10.94 -18.71
C LEU A 143 16.30 11.82 -19.95
N MET A 144 17.25 12.76 -20.09
CA MET A 144 17.26 13.60 -21.28
C MET A 144 17.63 12.80 -22.53
N GLU A 145 18.47 11.78 -22.37
CA GLU A 145 18.86 10.94 -23.50
C GLU A 145 17.81 9.88 -23.82
N PHE A 146 16.90 9.61 -22.88
CA PHE A 146 15.92 8.56 -23.11
C PHE A 146 14.94 8.94 -24.21
N SER A 147 14.75 8.04 -25.17
CA SER A 147 13.65 8.10 -26.11
C SER A 147 13.18 6.68 -26.32
N GLY A 148 11.94 6.53 -26.78
CA GLY A 148 11.37 5.22 -27.02
C GLY A 148 10.24 4.90 -26.05
N ASN A 149 9.70 3.68 -26.22
CA ASN A 149 8.45 3.30 -25.60
C ASN A 149 8.62 2.44 -24.36
N THR A 150 9.80 1.87 -24.13
CA THR A 150 10.03 0.94 -23.02
C THR A 150 11.17 1.49 -22.18
N MET A 151 10.96 1.57 -20.87
CA MET A 151 11.98 2.09 -19.98
C MET A 151 13.23 1.22 -20.04
N THR A 152 14.39 1.88 -19.94
CA THR A 152 15.69 1.23 -19.93
C THR A 152 16.22 1.20 -18.50
N ARG A 153 17.34 0.49 -18.32
CA ARG A 153 17.95 0.40 -17.00
C ARG A 153 18.32 1.79 -16.48
N ASP A 154 19.01 2.59 -17.28
CA ASP A 154 19.48 3.88 -16.80
C ASP A 154 18.32 4.83 -16.54
N ALA A 155 17.30 4.80 -17.38
CA ALA A 155 16.16 5.69 -17.12
C ALA A 155 15.36 5.25 -15.90
N SER A 156 15.29 3.93 -15.64
CA SER A 156 14.58 3.44 -14.46
C SER A 156 15.31 3.82 -13.18
N ARG A 157 16.64 3.71 -13.17
CA ARG A 157 17.40 4.17 -12.01
C ARG A 157 17.21 5.66 -11.80
N ALA A 158 17.19 6.44 -12.89
CA ALA A 158 16.96 7.88 -12.79
C ALA A 158 15.60 8.18 -12.17
N VAL A 159 14.56 7.47 -12.59
CA VAL A 159 13.22 7.72 -12.05
C VAL A 159 13.16 7.36 -10.56
N LEU A 160 13.75 6.22 -10.19
CA LEU A 160 13.76 5.84 -8.77
C LEU A 160 14.41 6.90 -7.89
N ARG A 161 15.52 7.47 -8.35
CA ARG A 161 16.17 8.51 -7.57
C ARG A 161 15.30 9.76 -7.49
N PHE A 162 14.75 10.20 -8.63
CA PHE A 162 14.05 11.49 -8.66
C PHE A 162 12.70 11.40 -7.94
N VAL A 163 12.00 10.28 -8.07
CA VAL A 163 10.76 10.10 -7.33
C VAL A 163 11.01 10.19 -5.82
N THR A 164 12.12 9.60 -5.35
CA THR A 164 12.42 9.61 -3.92
C THR A 164 12.61 11.03 -3.39
N VAL A 165 13.36 11.85 -4.11
CA VAL A 165 13.69 13.18 -3.60
C VAL A 165 12.65 14.23 -3.95
N THR A 166 11.60 13.85 -4.71
CA THR A 166 10.50 14.77 -4.99
C THR A 166 9.22 14.29 -4.31
N ALA A 167 8.52 13.32 -4.93
CA ALA A 167 7.23 12.87 -4.40
C ALA A 167 7.36 12.28 -2.98
N GLU A 168 8.35 11.42 -2.74
CA GLU A 168 8.43 10.82 -1.41
C GLU A 168 8.88 11.84 -0.36
N ALA A 169 9.77 12.76 -0.73
CA ALA A 169 10.13 13.85 0.19
C ALA A 169 8.96 14.78 0.46
N LEU A 170 8.08 15.00 -0.52
CA LEU A 170 6.88 15.78 -0.27
C LEU A 170 6.01 15.12 0.79
N ARG A 171 5.84 13.79 0.69
CA ARG A 171 5.06 13.04 1.68
C ARG A 171 5.74 13.05 3.05
N PHE A 172 7.05 12.82 3.07
CA PHE A 172 7.73 12.41 4.29
C PHE A 172 8.83 13.39 4.62
N ARG A 173 8.63 14.14 5.70
CA ARG A 173 9.64 15.04 6.19
C ARG A 173 10.91 14.30 6.57
N GLN A 174 10.80 13.03 6.96
CA GLN A 174 11.99 12.23 7.26
C GLN A 174 12.90 12.11 6.05
N ILE A 175 12.33 11.83 4.88
CA ILE A 175 13.14 11.68 3.67
C ILE A 175 13.67 13.05 3.21
N GLN A 176 12.85 14.10 3.32
CA GLN A 176 13.33 15.45 3.04
C GLN A 176 14.57 15.78 3.87
N ARG A 177 14.56 15.41 5.15
N ARG A 177 14.53 15.51 5.17
CA ARG A 177 15.61 15.81 6.07
CA ARG A 177 15.68 15.80 6.03
C ARG A 177 16.90 15.02 5.83
C ARG A 177 16.91 15.05 5.56
N GLU A 178 16.81 13.73 5.50
CA GLU A 178 17.99 12.90 5.33
C GLU A 178 18.65 13.14 3.98
N PHE A 179 17.85 13.44 2.95
CA PHE A 179 18.46 13.71 1.66
C PHE A 179 19.04 15.12 1.57
N ARG A 180 18.40 16.13 2.21
CA ARG A 180 18.77 17.52 1.91
C ARG A 180 20.24 17.79 2.22
N GLN A 181 20.83 17.03 3.14
CA GLN A 181 22.25 17.15 3.46
C GLN A 181 23.13 16.98 2.24
N ALA A 182 22.68 16.19 1.27
CA ALA A 182 23.48 15.90 0.07
C ALA A 182 23.69 17.14 -0.80
N LEU A 183 22.89 18.17 -0.59
CA LEU A 183 22.95 19.42 -1.35
C LEU A 183 23.92 20.42 -0.74
N SER A 184 24.50 20.12 0.43
CA SER A 184 25.46 21.04 0.99
C SER A 184 26.77 20.97 0.20
N GLU A 185 27.63 21.94 0.45
CA GLU A 185 28.91 22.01 -0.24
C GLU A 185 29.82 20.84 0.12
N THR A 186 29.62 20.26 1.30
CA THR A 186 30.33 19.03 1.67
C THR A 186 29.89 17.84 0.82
N ALA A 187 28.69 17.91 0.25
CA ALA A 187 28.17 16.91 -0.67
C ALA A 187 28.27 15.47 -0.16
N PRO A 188 27.67 15.17 0.99
CA PRO A 188 27.64 13.77 1.43
C PRO A 188 26.64 12.97 0.59
N VAL A 189 26.54 11.68 0.83
CA VAL A 189 25.65 10.79 0.07
C VAL A 189 24.51 10.35 0.96
N TYR A 190 23.29 10.44 0.43
CA TYR A 190 22.10 9.92 1.09
C TYR A 190 21.93 8.45 0.75
N THR A 191 21.75 7.61 1.77
CA THR A 191 21.44 6.21 1.60
C THR A 191 20.00 5.95 2.07
N MET A 192 19.15 5.50 1.17
CA MET A 192 17.80 5.14 1.57
C MET A 192 17.83 3.91 2.47
N THR A 193 17.23 4.01 3.64
CA THR A 193 17.28 2.94 4.62
C THR A 193 16.06 2.03 4.53
N PRO A 194 16.14 0.81 5.07
CA PRO A 194 14.91 0.00 5.20
C PRO A 194 13.77 0.74 5.88
N GLY A 195 14.08 1.58 6.88
CA GLY A 195 13.05 2.36 7.53
C GLY A 195 12.40 3.39 6.61
N ASP A 196 13.21 4.07 5.80
CA ASP A 196 12.62 4.98 4.81
C ASP A 196 11.69 4.23 3.87
N VAL A 197 12.13 3.04 3.42
CA VAL A 197 11.29 2.28 2.50
C VAL A 197 9.99 1.87 3.17
N ASP A 198 10.09 1.42 4.43
CA ASP A 198 8.89 1.05 5.19
C ASP A 198 7.89 2.20 5.26
N LEU A 199 8.39 3.43 5.50
CA LEU A 199 7.51 4.60 5.48
C LEU A 199 6.71 4.69 4.20
N THR A 200 7.39 4.61 3.05
CA THR A 200 6.70 4.78 1.78
C THR A 200 5.69 3.66 1.55
N LEU A 201 5.99 2.45 2.03
CA LEU A 201 5.07 1.33 1.85
C LEU A 201 3.85 1.44 2.76
N ASN A 202 3.89 2.30 3.77
CA ASN A 202 2.81 2.42 4.75
C ASN A 202 2.05 3.73 4.63
N TRP A 203 2.23 4.48 3.53
CA TRP A 203 1.68 5.83 3.43
C TRP A 203 0.17 5.83 3.48
N GLY A 204 -0.46 4.87 2.81
CA GLY A 204 -1.91 4.81 2.79
C GLY A 204 -2.53 4.64 4.17
N ARG A 205 -2.04 3.65 4.93
CA ARG A 205 -2.61 3.46 6.26
C ARG A 205 -2.22 4.60 7.21
N ILE A 206 -0.99 5.12 7.10
CA ILE A 206 -0.62 6.29 7.89
C ILE A 206 -1.60 7.43 7.61
N SER A 207 -1.91 7.65 6.33
CA SER A 207 -2.88 8.67 5.96
C SER A 207 -4.25 8.42 6.56
N ASN A 208 -4.59 7.15 6.77
CA ASN A 208 -5.90 6.82 7.32
C ASN A 208 -5.92 6.96 8.84
N VAL A 209 -4.79 6.74 9.50
CA VAL A 209 -4.77 6.75 10.96
C VAL A 209 -4.64 8.16 11.50
N LEU A 210 -3.76 8.98 10.90
CA LEU A 210 -3.43 10.28 11.49
C LEU A 210 -4.61 11.23 11.66
N PRO A 211 -5.61 11.29 10.78
CA PRO A 211 -6.75 12.19 11.04
C PRO A 211 -7.50 11.89 12.33
N GLU A 212 -7.49 10.65 12.82
CA GLU A 212 -8.15 10.31 14.08
C GLU A 212 -7.27 10.54 15.30
N TYR A 213 -5.98 10.80 15.09
CA TYR A 213 -5.06 10.93 16.20
C TYR A 213 -5.42 12.14 17.05
N ARG A 214 -5.37 11.96 18.37
CA ARG A 214 -5.61 13.02 19.33
C ARG A 214 -4.57 12.94 20.43
N GLY A 215 -4.01 14.10 20.81
CA GLY A 215 -3.00 14.18 21.85
C GLY A 215 -1.78 13.30 21.61
N GLY A 218 1.06 8.55 21.43
CA GLY A 218 1.79 7.81 20.43
C GLY A 218 0.89 6.98 19.53
N VAL A 219 1.43 6.48 18.42
CA VAL A 219 0.66 5.70 17.47
C VAL A 219 1.59 4.78 16.71
N ARG A 220 1.04 3.68 16.19
CA ARG A 220 1.86 2.70 15.48
C ARG A 220 1.09 2.15 14.28
N VAL A 221 1.78 2.12 13.14
CA VAL A 221 1.25 1.58 11.89
C VAL A 221 2.31 0.62 11.35
N GLY A 222 1.98 -0.66 11.33
CA GLY A 222 2.96 -1.68 10.93
C GLY A 222 4.24 -1.53 11.72
N ARG A 223 5.35 -1.43 10.99
CA ARG A 223 6.67 -1.30 11.59
C ARG A 223 7.03 0.14 11.94
N ILE A 224 6.16 1.09 11.68
CA ILE A 224 6.41 2.51 11.96
C ILE A 224 5.78 2.83 13.31
N SER A 225 6.57 3.37 14.23
CA SER A 225 6.08 3.71 15.56
C SER A 225 6.42 5.17 15.86
N PHE A 226 5.39 5.95 16.19
CA PHE A 226 5.55 7.34 16.59
C PHE A 226 5.22 7.43 18.07
N ASN A 227 6.17 7.91 18.87
CA ASN A 227 5.94 7.94 20.31
C ASN A 227 5.23 9.19 20.79
N ASN A 228 5.18 10.25 19.98
CA ASN A 228 4.53 11.50 20.38
C ASN A 228 4.31 12.36 19.14
N ILE A 229 3.69 13.52 19.33
CA ILE A 229 3.41 14.43 18.23
C ILE A 229 4.68 14.80 17.46
N SER A 230 5.76 15.15 18.19
CA SER A 230 6.96 15.62 17.52
C SER A 230 7.54 14.55 16.61
N ALA A 231 7.45 13.28 17.01
CA ALA A 231 7.89 12.18 16.14
C ALA A 231 7.05 12.11 14.87
N ILE A 232 5.74 12.37 14.98
CA ILE A 232 4.90 12.39 13.79
C ILE A 232 5.31 13.53 12.87
N LEU A 233 5.42 14.74 13.42
CA LEU A 233 5.80 15.91 12.61
C LEU A 233 7.18 15.73 12.01
N GLY A 234 8.10 15.13 12.77
CA GLY A 234 9.44 14.89 12.29
C GLY A 234 9.52 13.95 11.10
N THR A 235 8.48 13.17 10.88
CA THR A 235 8.48 12.08 9.90
C THR A 235 7.55 12.33 8.73
N VAL A 236 6.32 12.77 8.98
CA VAL A 236 5.28 12.83 7.95
C VAL A 236 4.93 14.29 7.69
N ALA A 237 4.84 14.66 6.42
CA ALA A 237 4.44 16.02 6.03
C ALA A 237 3.08 16.07 5.36
N VAL A 238 2.78 15.15 4.46
CA VAL A 238 1.56 15.21 3.66
C VAL A 238 0.93 13.83 3.57
N ILE A 239 -0.39 13.76 3.79
CA ILE A 239 -1.11 12.49 3.73
C ILE A 239 -2.26 12.60 2.74
N LEU A 240 -2.66 11.43 2.22
CA LEU A 240 -3.84 11.26 1.40
C LEU A 240 -5.10 11.74 2.12
N ASN A 241 -6.10 12.09 1.32
CA ASN A 241 -7.41 12.46 1.83
C ASN A 241 -8.29 11.22 1.71
N CYS A 242 -8.20 10.36 2.73
CA CYS A 242 -9.01 9.14 2.83
C CYS A 242 -9.51 9.05 4.27
N HIS A 243 -10.65 9.68 4.53
CA HIS A 243 -11.44 9.41 5.72
C HIS A 243 -12.80 10.13 5.63
N MET B 1 -20.74 -7.84 19.38
CA MET B 1 -19.87 -7.77 18.21
C MET B 1 -20.43 -8.61 17.07
N ARG B 2 -20.13 -8.26 15.83
CA ARG B 2 -20.61 -9.05 14.70
C ARG B 2 -19.69 -10.23 14.45
N GLU B 3 -20.28 -11.40 14.25
CA GLU B 3 -19.54 -12.63 14.10
C GLU B 3 -19.95 -13.27 12.79
N PHE B 4 -18.98 -13.72 12.02
CA PHE B 4 -19.24 -14.48 10.80
C PHE B 4 -18.47 -15.78 10.88
N THR B 5 -18.97 -16.77 10.14
CA THR B 5 -18.29 -18.04 9.98
C THR B 5 -17.75 -18.13 8.57
N ILE B 6 -16.50 -18.54 8.44
CA ILE B 6 -15.99 -19.00 7.15
C ILE B 6 -15.88 -20.51 7.25
N ASP B 7 -16.68 -21.21 6.44
CA ASP B 7 -16.80 -22.66 6.46
C ASP B 7 -15.98 -23.23 5.32
N PHE B 8 -14.88 -23.91 5.65
CA PHE B 8 -14.00 -24.50 4.64
C PHE B 8 -14.42 -25.90 4.21
N SER B 9 -15.65 -26.33 4.54
CA SER B 9 -16.08 -27.71 4.27
C SER B 9 -15.98 -28.04 2.79
N THR B 10 -16.53 -27.18 1.95
CA THR B 10 -16.56 -27.42 0.50
C THR B 10 -16.24 -26.12 -0.21
N GLN B 11 -15.99 -26.22 -1.51
CA GLN B 11 -15.81 -25.02 -2.32
C GLN B 11 -17.02 -24.11 -2.24
N GLN B 12 -18.23 -24.68 -2.26
CA GLN B 12 -19.39 -23.80 -2.25
C GLN B 12 -19.64 -23.21 -0.86
N SER B 13 -19.37 -23.96 0.21
CA SER B 13 -19.53 -23.38 1.55
C SER B 13 -18.53 -22.25 1.76
N TYR B 14 -17.32 -22.39 1.24
CA TYR B 14 -16.31 -21.35 1.37
C TYR B 14 -16.72 -20.09 0.61
N VAL B 15 -17.12 -20.24 -0.66
CA VAL B 15 -17.54 -19.10 -1.46
C VAL B 15 -18.78 -18.45 -0.85
N SER B 16 -19.73 -19.27 -0.40
CA SER B 16 -20.95 -18.75 0.20
C SER B 16 -20.66 -18.00 1.50
N SER B 17 -19.65 -18.45 2.26
CA SER B 17 -19.28 -17.74 3.49
C SER B 17 -18.68 -16.38 3.17
N LEU B 18 -17.81 -16.31 2.17
CA LEU B 18 -17.21 -15.04 1.79
C LEU B 18 -18.25 -14.07 1.26
N ASN B 19 -19.16 -14.58 0.43
CA ASN B 19 -20.23 -13.73 -0.11
C ASN B 19 -21.11 -13.18 1.01
N SER B 20 -21.44 -14.01 2.00
CA SER B 20 -22.25 -13.54 3.13
C SER B 20 -21.55 -12.39 3.87
N ILE B 21 -20.24 -12.51 4.08
CA ILE B 21 -19.51 -11.43 4.73
C ILE B 21 -19.53 -10.17 3.87
N ARG B 22 -19.23 -10.31 2.58
CA ARG B 22 -19.23 -9.14 1.70
C ARG B 22 -20.58 -8.45 1.70
N THR B 23 -21.67 -9.22 1.60
CA THR B 23 -23.01 -8.65 1.55
C THR B 23 -23.32 -7.84 2.82
N GLU B 24 -22.75 -8.25 3.96
CA GLU B 24 -23.09 -7.58 5.21
C GLU B 24 -22.25 -6.32 5.44
N ILE B 25 -21.02 -6.27 4.92
CA ILE B 25 -20.08 -5.20 5.24
C ILE B 25 -19.84 -4.24 4.09
N SER B 26 -20.43 -4.50 2.90
CA SER B 26 -20.10 -3.67 1.75
C SER B 26 -21.30 -3.53 0.83
N THR B 27 -21.24 -2.55 -0.08
CA THR B 27 -22.33 -2.25 -0.99
C THR B 27 -21.81 -2.24 -2.42
N PRO B 28 -22.50 -2.92 -3.36
CA PRO B 28 -22.00 -3.04 -4.73
C PRO B 28 -21.93 -1.72 -5.48
N LEU B 29 -20.92 -1.60 -6.33
CA LEU B 29 -20.83 -0.48 -7.27
C LEU B 29 -21.78 -0.70 -8.44
N GLU B 30 -22.59 0.32 -8.74
CA GLU B 30 -23.56 0.21 -9.82
C GLU B 30 -22.87 -0.09 -11.15
N HIS B 31 -21.72 0.54 -11.40
CA HIS B 31 -21.11 0.47 -12.71
C HIS B 31 -20.27 -0.78 -12.93
N ILE B 32 -20.04 -1.59 -11.89
CA ILE B 32 -19.24 -2.81 -12.06
C ILE B 32 -19.96 -4.01 -11.47
N SER B 33 -20.98 -4.51 -12.19
CA SER B 33 -21.75 -5.66 -11.73
C SER B 33 -22.22 -6.47 -12.93
N GLN B 34 -22.01 -7.78 -12.87
CA GLN B 34 -22.54 -8.72 -13.85
C GLN B 34 -22.99 -9.98 -13.13
N GLY B 35 -24.25 -10.37 -13.34
CA GLY B 35 -24.76 -11.54 -12.67
C GLY B 35 -24.85 -11.30 -11.16
N THR B 36 -24.35 -12.26 -10.40
CA THR B 36 -24.33 -12.17 -8.94
C THR B 36 -23.05 -11.57 -8.39
N THR B 37 -22.18 -11.09 -9.27
CA THR B 37 -20.84 -10.64 -8.95
C THR B 37 -20.74 -9.12 -9.04
N SER B 38 -20.06 -8.52 -8.07
CA SER B 38 -19.87 -7.08 -8.06
C SER B 38 -18.53 -6.75 -7.40
N VAL B 39 -18.09 -5.52 -7.65
CA VAL B 39 -17.14 -4.87 -6.76
C VAL B 39 -17.95 -4.07 -5.75
N SER B 40 -17.67 -4.28 -4.47
CA SER B 40 -18.42 -3.64 -3.40
C SER B 40 -17.51 -2.72 -2.59
N VAL B 41 -18.07 -1.63 -2.10
CA VAL B 41 -17.34 -0.66 -1.30
C VAL B 41 -17.70 -0.86 0.18
N ILE B 42 -16.69 -0.94 1.04
CA ILE B 42 -16.93 -1.16 2.46
C ILE B 42 -17.75 -0.03 3.04
N ASN B 43 -18.85 -0.38 3.71
CA ASN B 43 -19.68 0.63 4.37
C ASN B 43 -18.91 1.30 5.49
N HIS B 44 -19.11 2.60 5.67
CA HIS B 44 -18.39 3.32 6.70
C HIS B 44 -18.92 2.94 8.08
N THR B 45 -18.01 2.69 9.01
CA THR B 45 -18.28 2.39 10.41
C THR B 45 -17.32 3.21 11.26
N PRO B 46 -17.63 3.40 12.54
CA PRO B 46 -16.74 4.20 13.39
C PRO B 46 -15.36 3.58 13.47
N PRO B 47 -14.33 4.39 13.68
CA PRO B 47 -12.98 3.85 13.82
C PRO B 47 -12.89 2.87 14.99
N GLY B 48 -12.15 1.79 14.77
CA GLY B 48 -12.05 0.75 15.77
C GLY B 48 -13.11 -0.32 15.66
N SER B 49 -14.09 -0.15 14.77
CA SER B 49 -15.07 -1.21 14.55
C SER B 49 -14.38 -2.43 13.98
N TYR B 50 -14.85 -3.61 14.40
CA TYR B 50 -14.27 -4.87 13.96
C TYR B 50 -15.38 -5.92 13.88
N PHE B 51 -15.05 -7.04 13.24
CA PHE B 51 -15.90 -8.22 13.32
C PHE B 51 -15.00 -9.44 13.54
N ALA B 52 -15.63 -10.52 13.99
CA ALA B 52 -14.94 -11.78 14.23
C ALA B 52 -15.23 -12.78 13.12
N VAL B 53 -14.24 -13.60 12.81
CA VAL B 53 -14.39 -14.71 11.87
C VAL B 53 -14.12 -16.00 12.63
N ASP B 54 -15.12 -16.87 12.70
CA ASP B 54 -14.98 -18.19 13.29
C ASP B 54 -14.57 -19.17 12.20
N ILE B 55 -13.42 -19.83 12.38
CA ILE B 55 -12.92 -20.75 11.37
C ILE B 55 -13.58 -22.11 11.57
N ARG B 56 -14.25 -22.61 10.53
CA ARG B 56 -15.02 -23.85 10.60
C ARG B 56 -14.74 -24.71 9.38
N GLY B 57 -15.06 -26.00 9.51
CA GLY B 57 -15.07 -26.88 8.36
C GLY B 57 -13.71 -27.26 7.82
N LEU B 58 -12.64 -27.10 8.60
CA LEU B 58 -11.34 -27.61 8.16
C LEU B 58 -11.33 -29.12 8.02
N ASP B 59 -12.22 -29.82 8.74
CA ASP B 59 -12.41 -31.27 8.64
C ASP B 59 -13.76 -31.51 7.96
N VAL B 60 -13.72 -32.23 6.83
CA VAL B 60 -14.94 -32.44 6.03
C VAL B 60 -15.92 -33.39 6.71
N TYR B 61 -15.45 -34.31 7.57
CA TYR B 61 -16.34 -35.32 8.13
C TYR B 61 -16.79 -35.06 9.55
N GLN B 62 -16.12 -34.17 10.30
CA GLN B 62 -16.37 -34.00 11.71
C GLN B 62 -16.23 -32.54 12.09
N ALA B 63 -17.12 -32.06 12.96
CA ALA B 63 -16.96 -30.72 13.54
C ALA B 63 -15.77 -30.74 14.49
N ARG B 64 -14.60 -30.39 13.97
CA ARG B 64 -13.34 -30.40 14.71
C ARG B 64 -12.58 -29.13 14.32
N PHE B 65 -11.47 -28.86 15.02
CA PHE B 65 -10.61 -27.70 14.71
C PHE B 65 -11.41 -26.38 14.75
N ASP B 66 -12.17 -26.17 15.82
CA ASP B 66 -13.16 -25.09 15.84
C ASP B 66 -12.96 -24.11 16.99
N HIS B 67 -11.75 -23.98 17.52
CA HIS B 67 -11.51 -23.05 18.61
C HIS B 67 -10.74 -21.80 18.19
N LEU B 68 -10.61 -21.54 16.89
CA LEU B 68 -9.86 -20.40 16.38
C LEU B 68 -10.79 -19.31 15.87
N ARG B 69 -10.52 -18.07 16.25
CA ARG B 69 -11.28 -16.92 15.79
C ARG B 69 -10.30 -15.83 15.39
N LEU B 70 -10.62 -15.14 14.29
CA LEU B 70 -9.83 -14.00 13.81
C LEU B 70 -10.60 -12.72 14.08
N ILE B 71 -9.87 -11.68 14.48
CA ILE B 71 -10.44 -10.35 14.70
C ILE B 71 -9.99 -9.47 13.54
N ILE B 72 -10.96 -8.91 12.81
CA ILE B 72 -10.70 -8.18 11.57
C ILE B 72 -11.26 -6.77 11.71
N GLU B 73 -10.40 -5.77 11.51
CA GLU B 73 -10.88 -4.39 11.53
C GLU B 73 -11.75 -4.14 10.30
N GLN B 74 -12.95 -3.59 10.52
CA GLN B 74 -13.97 -3.64 9.47
C GLN B 74 -13.68 -2.63 8.35
N ASN B 75 -13.16 -1.45 8.68
CA ASN B 75 -13.01 -0.43 7.66
C ASN B 75 -11.93 -0.78 6.63
N ASN B 76 -10.95 -1.60 7.00
CA ASN B 76 -9.82 -1.87 6.12
C ASN B 76 -9.50 -3.34 5.94
N LEU B 77 -10.19 -4.24 6.67
CA LEU B 77 -10.06 -5.68 6.55
C LEU B 77 -8.69 -6.20 6.99
N TYR B 78 -7.94 -5.42 7.77
CA TYR B 78 -6.70 -5.93 8.34
C TYR B 78 -7.00 -6.83 9.53
N VAL B 79 -6.18 -7.87 9.68
CA VAL B 79 -6.33 -8.82 10.78
C VAL B 79 -5.60 -8.22 11.99
N ALA B 80 -6.37 -7.88 13.03
CA ALA B 80 -5.82 -7.29 14.24
C ALA B 80 -5.22 -8.33 15.19
N GLY B 81 -5.55 -9.60 14.99
CA GLY B 81 -5.04 -10.65 15.85
C GLY B 81 -5.96 -11.86 15.78
N PHE B 82 -5.73 -12.78 16.72
CA PHE B 82 -6.49 -14.03 16.73
C PHE B 82 -6.86 -14.40 18.16
N VAL B 83 -7.97 -15.11 18.31
CA VAL B 83 -8.50 -15.51 19.62
C VAL B 83 -8.44 -17.03 19.75
N ASN B 84 -7.83 -17.50 20.83
CA ASN B 84 -7.94 -18.89 21.27
C ASN B 84 -9.16 -18.96 22.18
N THR B 85 -10.25 -19.57 21.69
CA THR B 85 -11.47 -19.56 22.49
C THR B 85 -11.46 -20.60 23.61
N ALA B 86 -10.51 -21.53 23.62
CA ALA B 86 -10.39 -22.45 24.76
C ALA B 86 -9.80 -21.73 25.97
N THR B 87 -8.73 -20.97 25.76
CA THR B 87 -8.11 -20.20 26.83
C THR B 87 -8.72 -18.81 26.96
N ASN B 88 -9.58 -18.41 26.03
CA ASN B 88 -10.26 -17.12 26.05
C ASN B 88 -9.24 -15.98 26.04
N THR B 89 -8.33 -16.02 25.08
CA THR B 89 -7.23 -15.08 25.00
C THR B 89 -7.14 -14.50 23.60
N PHE B 90 -7.04 -13.17 23.52
CA PHE B 90 -6.92 -12.43 22.26
C PHE B 90 -5.47 -12.02 22.10
N TYR B 91 -4.79 -12.58 21.11
CA TYR B 91 -3.41 -12.21 20.79
C TYR B 91 -3.44 -11.09 19.76
N ARG B 92 -3.08 -9.89 20.18
CA ARG B 92 -3.31 -8.68 19.40
C ARG B 92 -1.98 -8.12 18.91
N PHE B 93 -1.93 -7.77 17.62
CA PHE B 93 -0.71 -7.19 17.05
C PHE B 93 -0.45 -5.81 17.67
N SER B 94 0.83 -5.41 17.67
CA SER B 94 1.22 -4.19 18.36
C SER B 94 0.66 -2.93 17.73
N ASP B 95 0.26 -2.98 16.46
CA ASP B 95 -0.29 -1.81 15.80
C ASP B 95 -1.82 -1.81 15.78
N PHE B 96 -2.46 -2.59 16.66
CA PHE B 96 -3.91 -2.61 16.77
C PHE B 96 -4.36 -2.46 18.22
N THR B 97 -3.66 -1.64 19.00
CA THR B 97 -4.03 -1.44 20.40
C THR B 97 -5.35 -0.70 20.55
N HIS B 98 -5.91 -0.15 19.47
CA HIS B 98 -7.21 0.49 19.53
C HIS B 98 -8.36 -0.50 19.43
N ILE B 99 -8.07 -1.78 19.21
CA ILE B 99 -9.08 -2.81 19.05
C ILE B 99 -9.29 -3.49 20.40
N SER B 100 -10.51 -3.37 20.93
N SER B 100 -10.51 -3.38 20.94
CA SER B 100 -10.86 -3.90 22.25
CA SER B 100 -10.84 -3.91 22.26
C SER B 100 -11.99 -4.92 22.09
C SER B 100 -11.99 -4.90 22.13
N VAL B 101 -11.73 -6.16 22.48
CA VAL B 101 -12.70 -7.24 22.41
C VAL B 101 -13.15 -7.57 23.83
N PRO B 102 -14.42 -7.39 24.17
CA PRO B 102 -14.88 -7.66 25.55
C PRO B 102 -14.97 -9.14 25.85
N GLY B 103 -14.77 -9.47 27.13
CA GLY B 103 -14.89 -10.83 27.60
C GLY B 103 -13.69 -11.72 27.36
N VAL B 104 -12.69 -11.26 26.63
CA VAL B 104 -11.49 -12.06 26.36
C VAL B 104 -10.30 -11.36 27.00
N THR B 105 -9.32 -12.17 27.41
CA THR B 105 -8.07 -11.62 27.93
C THR B 105 -7.18 -11.19 26.77
N THR B 106 -6.76 -9.95 26.78
CA THR B 106 -5.98 -9.39 25.68
C THR B 106 -4.50 -9.54 25.99
N VAL B 107 -3.77 -10.19 25.09
CA VAL B 107 -2.32 -10.24 25.15
C VAL B 107 -1.79 -9.26 24.09
N SER B 108 -1.12 -8.20 24.53
CA SER B 108 -0.57 -7.19 23.63
C SER B 108 0.78 -7.66 23.11
N MET B 109 0.85 -8.07 21.86
CA MET B 109 2.08 -8.64 21.33
C MET B 109 3.07 -7.54 20.95
N THR B 110 4.35 -7.91 20.95
CA THR B 110 5.41 -7.01 20.51
C THR B 110 5.52 -6.94 19.00
N THR B 111 4.82 -7.83 18.30
CA THR B 111 4.91 -7.98 16.86
C THR B 111 3.80 -7.19 16.20
N ASP B 112 4.14 -6.49 15.11
CA ASP B 112 3.15 -5.78 14.32
C ASP B 112 2.60 -6.68 13.22
N SER B 113 1.48 -6.25 12.64
CA SER B 113 0.71 -7.01 11.67
C SER B 113 1.28 -6.99 10.25
N SER B 114 2.32 -6.22 9.95
CA SER B 114 2.70 -6.01 8.55
C SER B 114 3.24 -7.29 7.92
N TYR B 115 2.98 -7.42 6.61
CA TYR B 115 3.58 -8.52 5.85
C TYR B 115 5.10 -8.49 5.93
N THR B 116 5.70 -7.30 5.94
CA THR B 116 7.15 -7.21 6.05
C THR B 116 7.64 -7.95 7.30
N THR B 117 7.05 -7.63 8.45
CA THR B 117 7.44 -8.30 9.68
C THR B 117 7.09 -9.78 9.65
N LEU B 118 5.87 -10.10 9.24
CA LEU B 118 5.40 -11.49 9.31
C LEU B 118 6.20 -12.40 8.39
N GLN B 119 6.53 -11.94 7.18
CA GLN B 119 7.32 -12.78 6.28
C GLN B 119 8.73 -13.00 6.82
N ARG B 120 9.29 -12.00 7.51
CA ARG B 120 10.60 -12.14 8.12
C ARG B 120 10.61 -13.20 9.21
N VAL B 121 9.71 -13.07 10.18
CA VAL B 121 9.63 -14.03 11.28
C VAL B 121 9.29 -15.41 10.75
N ALA B 122 8.44 -15.49 9.74
CA ALA B 122 8.04 -16.77 9.17
C ALA B 122 9.12 -17.39 8.30
N ALA B 123 10.13 -16.63 7.90
CA ALA B 123 11.09 -17.06 6.88
C ALA B 123 10.36 -17.63 5.66
N LEU B 124 9.40 -16.86 5.17
CA LEU B 124 8.50 -17.33 4.13
C LEU B 124 8.02 -16.15 3.29
N GLU B 125 8.39 -16.13 2.03
CA GLU B 125 7.85 -15.15 1.10
C GLU B 125 6.48 -15.59 0.60
N ARG B 126 5.58 -14.63 0.42
CA ARG B 126 4.25 -14.97 -0.04
C ARG B 126 4.25 -15.39 -1.49
N SER B 127 5.14 -14.82 -2.30
CA SER B 127 5.27 -15.22 -3.69
C SER B 127 5.81 -16.66 -3.74
N GLY B 128 4.98 -17.60 -4.18
CA GLY B 128 5.31 -19.00 -4.13
C GLY B 128 4.82 -19.74 -2.90
N MET B 129 4.19 -19.04 -1.95
CA MET B 129 3.69 -19.69 -0.75
C MET B 129 2.61 -20.72 -1.09
N GLN B 130 2.67 -21.87 -0.43
CA GLN B 130 1.74 -22.95 -0.71
C GLN B 130 0.71 -23.05 0.40
N ILE B 131 -0.55 -23.27 0.01
CA ILE B 131 -1.66 -23.39 0.97
C ILE B 131 -2.53 -24.56 0.53
N SER B 132 -2.82 -25.46 1.47
CA SER B 132 -3.69 -26.61 1.22
C SER B 132 -4.60 -26.77 2.43
N ARG B 133 -5.57 -27.70 2.30
CA ARG B 133 -6.37 -28.02 3.48
C ARG B 133 -5.48 -28.51 4.61
N HIS B 134 -4.49 -29.35 4.29
CA HIS B 134 -3.56 -29.87 5.29
C HIS B 134 -2.80 -28.74 5.98
N SER B 135 -2.26 -27.80 5.20
CA SER B 135 -1.49 -26.72 5.81
C SER B 135 -2.36 -25.73 6.57
N LEU B 136 -3.66 -25.63 6.24
CA LEU B 136 -4.53 -24.84 7.11
C LEU B 136 -4.78 -25.56 8.44
N VAL B 137 -4.85 -26.89 8.42
CA VAL B 137 -4.95 -27.64 9.69
C VAL B 137 -3.68 -27.43 10.51
N SER B 138 -2.51 -27.59 9.87
CA SER B 138 -1.26 -27.30 10.56
C SER B 138 -1.25 -25.88 11.11
N SER B 139 -1.73 -24.91 10.32
CA SER B 139 -1.77 -23.52 10.77
C SER B 139 -2.71 -23.34 11.96
N TYR B 140 -3.89 -23.97 11.92
CA TYR B 140 -4.79 -23.92 13.07
C TYR B 140 -4.10 -24.41 14.34
N LEU B 141 -3.44 -25.57 14.25
CA LEU B 141 -2.82 -26.14 15.44
C LEU B 141 -1.67 -25.27 15.95
N ALA B 142 -0.94 -24.62 15.04
CA ALA B 142 0.12 -23.72 15.48
C ALA B 142 -0.44 -22.53 16.24
N LEU B 143 -1.55 -21.96 15.76
CA LEU B 143 -2.12 -20.82 16.45
C LEU B 143 -2.74 -21.22 17.78
N MET B 144 -3.33 -22.43 17.86
CA MET B 144 -3.88 -22.88 19.14
C MET B 144 -2.79 -23.19 20.15
N GLU B 145 -1.59 -23.60 19.69
CA GLU B 145 -0.49 -23.87 20.61
C GLU B 145 0.22 -22.61 21.05
N PHE B 146 0.02 -21.50 20.34
CA PHE B 146 0.77 -20.29 20.61
C PHE B 146 0.44 -19.73 21.99
N SER B 147 1.46 -19.40 22.75
CA SER B 147 1.35 -18.58 23.94
C SER B 147 2.52 -17.62 23.97
N GLY B 148 2.36 -16.53 24.69
CA GLY B 148 3.42 -15.54 24.82
C GLY B 148 3.08 -14.26 24.09
N ASN B 149 4.06 -13.35 24.13
CA ASN B 149 3.89 -11.98 23.67
C ASN B 149 4.53 -11.72 22.31
N THR B 150 5.30 -12.66 21.77
CA THR B 150 6.05 -12.42 20.54
C THR B 150 5.75 -13.52 19.54
N MET B 151 5.43 -13.13 18.31
CA MET B 151 5.12 -14.11 17.28
C MET B 151 6.33 -14.99 16.99
N THR B 152 6.05 -16.27 16.70
CA THR B 152 7.05 -17.26 16.35
C THR B 152 6.99 -17.56 14.86
N ARG B 153 7.97 -18.33 14.38
CA ARG B 153 8.00 -18.70 12.98
C ARG B 153 6.74 -19.45 12.57
N ASP B 154 6.37 -20.48 13.34
CA ASP B 154 5.23 -21.31 12.97
C ASP B 154 3.92 -20.53 13.08
N ALA B 155 3.77 -19.68 14.11
CA ALA B 155 2.56 -18.88 14.21
C ALA B 155 2.51 -17.82 13.11
N SER B 156 3.66 -17.30 12.69
CA SER B 156 3.66 -16.31 11.62
C SER B 156 3.27 -16.94 10.28
N ARG B 157 3.78 -18.15 10.00
CA ARG B 157 3.34 -18.86 8.79
C ARG B 157 1.84 -19.15 8.84
N ALA B 158 1.32 -19.49 10.02
CA ALA B 158 -0.11 -19.73 10.18
C ALA B 158 -0.91 -18.47 9.88
N VAL B 159 -0.46 -17.33 10.38
CA VAL B 159 -1.16 -16.07 10.11
C VAL B 159 -1.11 -15.73 8.62
N LEU B 160 0.05 -15.90 7.99
CA LEU B 160 0.16 -15.59 6.55
C LEU B 160 -0.83 -16.41 5.72
N ARG B 161 -0.96 -17.70 6.05
CA ARG B 161 -1.90 -18.56 5.35
C ARG B 161 -3.34 -18.16 5.61
N PHE B 162 -3.69 -17.92 6.87
CA PHE B 162 -5.09 -17.64 7.17
C PHE B 162 -5.52 -16.26 6.66
N VAL B 163 -4.62 -15.25 6.75
CA VAL B 163 -4.96 -13.94 6.20
C VAL B 163 -5.19 -14.03 4.70
N THR B 164 -4.39 -14.85 4.01
CA THR B 164 -4.52 -14.96 2.56
C THR B 164 -5.90 -15.50 2.17
N VAL B 165 -6.36 -16.58 2.85
CA VAL B 165 -7.60 -17.22 2.45
C VAL B 165 -8.83 -16.61 3.12
N THR B 166 -8.64 -15.64 4.03
CA THR B 166 -9.79 -14.97 4.61
C THR B 166 -9.83 -13.53 4.13
N ALA B 167 -9.02 -12.64 4.72
CA ALA B 167 -9.08 -11.22 4.38
C ALA B 167 -8.74 -10.96 2.91
N GLU B 168 -7.65 -11.56 2.41
CA GLU B 168 -7.28 -11.26 1.02
C GLU B 168 -8.25 -11.88 0.03
N ALA B 169 -8.80 -13.06 0.34
CA ALA B 169 -9.84 -13.63 -0.51
C ALA B 169 -11.11 -12.80 -0.47
N LEU B 170 -11.42 -12.18 0.68
CA LEU B 170 -12.56 -11.28 0.74
C LEU B 170 -12.39 -10.10 -0.20
N ARG B 171 -11.20 -9.51 -0.21
CA ARG B 171 -10.91 -8.39 -1.11
C ARG B 171 -10.95 -8.83 -2.57
N PHE B 172 -10.35 -9.99 -2.89
CA PHE B 172 -9.97 -10.35 -4.25
C PHE B 172 -10.61 -11.67 -4.67
N ARG B 173 -11.56 -11.60 -5.60
CA ARG B 173 -12.18 -12.80 -6.17
C ARG B 173 -11.16 -13.71 -6.85
N GLN B 174 -10.07 -13.13 -7.37
CA GLN B 174 -9.03 -13.95 -7.99
C GLN B 174 -8.43 -14.94 -7.00
N ILE B 175 -8.14 -14.49 -5.78
CA ILE B 175 -7.55 -15.37 -4.77
C ILE B 175 -8.60 -16.35 -4.26
N GLN B 176 -9.84 -15.89 -4.08
CA GLN B 176 -10.92 -16.82 -3.72
C GLN B 176 -11.01 -17.96 -4.73
N ARG B 177 -11.06 -17.62 -6.02
CA ARG B 177 -11.21 -18.61 -7.07
C ARG B 177 -10.02 -19.57 -7.11
N GLU B 178 -8.81 -19.05 -6.95
CA GLU B 178 -7.64 -19.90 -7.06
C GLU B 178 -7.42 -20.74 -5.82
N PHE B 179 -7.77 -20.23 -4.64
CA PHE B 179 -7.56 -21.04 -3.44
C PHE B 179 -8.63 -22.12 -3.29
N ARG B 180 -9.88 -21.82 -3.68
CA ARG B 180 -10.98 -22.71 -3.35
C ARG B 180 -10.82 -24.10 -3.95
N GLN B 181 -10.04 -24.25 -5.03
CA GLN B 181 -9.76 -25.57 -5.56
C GLN B 181 -9.14 -26.48 -4.52
N ALA B 182 -8.39 -25.91 -3.56
CA ALA B 182 -7.74 -26.72 -2.54
C ALA B 182 -8.74 -27.42 -1.63
N LEU B 183 -9.99 -26.96 -1.61
CA LEU B 183 -11.01 -27.54 -0.75
C LEU B 183 -11.77 -28.70 -1.41
N SER B 184 -11.50 -29.02 -2.67
CA SER B 184 -12.17 -30.14 -3.32
C SER B 184 -11.65 -31.47 -2.79
N GLU B 185 -12.35 -32.56 -3.16
CA GLU B 185 -12.00 -33.90 -2.69
C GLU B 185 -10.63 -34.34 -3.18
N THR B 186 -10.18 -33.81 -4.32
CA THR B 186 -8.82 -34.05 -4.81
C THR B 186 -7.76 -33.42 -3.91
N ALA B 187 -8.12 -32.40 -3.15
CA ALA B 187 -7.20 -31.72 -2.24
C ALA B 187 -5.89 -31.31 -2.91
N PRO B 188 -5.95 -30.53 -4.01
CA PRO B 188 -4.72 -30.02 -4.61
C PRO B 188 -4.10 -28.92 -3.77
N VAL B 189 -2.98 -28.37 -4.23
CA VAL B 189 -2.27 -27.33 -3.50
C VAL B 189 -2.39 -26.01 -4.25
N TYR B 190 -2.75 -24.95 -3.53
CA TYR B 190 -2.77 -23.58 -4.05
C TYR B 190 -1.39 -22.97 -3.86
N THR B 191 -0.84 -22.43 -4.95
CA THR B 191 0.43 -21.70 -4.89
C THR B 191 0.14 -20.24 -5.19
N MET B 192 0.42 -19.38 -4.21
CA MET B 192 0.24 -17.96 -4.40
C MET B 192 1.24 -17.45 -5.43
N THR B 193 0.74 -16.73 -6.43
CA THR B 193 1.54 -16.27 -7.55
C THR B 193 2.03 -14.84 -7.34
N PRO B 194 3.10 -14.44 -8.03
CA PRO B 194 3.47 -13.01 -8.03
C PRO B 194 2.30 -12.09 -8.37
N GLY B 195 1.43 -12.54 -9.27
CA GLY B 195 0.25 -11.74 -9.59
C GLY B 195 -0.70 -11.58 -8.42
N ASP B 196 -0.95 -12.67 -7.68
CA ASP B 196 -1.79 -12.57 -6.49
C ASP B 196 -1.20 -11.57 -5.49
N VAL B 197 0.11 -11.63 -5.29
CA VAL B 197 0.77 -10.71 -4.36
C VAL B 197 0.65 -9.27 -4.84
N ASP B 198 0.85 -9.05 -6.15
CA ASP B 198 0.70 -7.72 -6.74
C ASP B 198 -0.65 -7.11 -6.42
N LEU B 199 -1.72 -7.92 -6.53
CA LEU B 199 -3.05 -7.48 -6.14
C LEU B 199 -3.05 -6.94 -4.72
N THR B 200 -2.49 -7.70 -3.78
CA THR B 200 -2.54 -7.31 -2.37
C THR B 200 -1.74 -6.04 -2.11
N LEU B 201 -0.67 -5.81 -2.87
CA LEU B 201 0.14 -4.61 -2.69
C LEU B 201 -0.50 -3.35 -3.27
N ASN B 202 -1.51 -3.49 -4.12
CA ASN B 202 -2.10 -2.39 -4.87
C ASN B 202 -3.54 -2.09 -4.46
N TRP B 203 -4.01 -2.63 -3.33
CA TRP B 203 -5.42 -2.55 -2.98
C TRP B 203 -5.86 -1.10 -2.80
N GLY B 204 -5.01 -0.28 -2.20
CA GLY B 204 -5.36 1.12 -1.98
C GLY B 204 -5.65 1.88 -3.26
N ARG B 205 -4.73 1.81 -4.22
CA ARG B 205 -4.95 2.55 -5.46
C ARG B 205 -6.08 1.92 -6.28
N ILE B 206 -6.18 0.58 -6.27
CA ILE B 206 -7.30 -0.07 -6.95
C ILE B 206 -8.63 0.43 -6.38
N SER B 207 -8.70 0.56 -5.05
CA SER B 207 -9.91 1.07 -4.40
C SER B 207 -10.21 2.50 -4.82
N ASN B 208 -9.18 3.29 -5.14
CA ASN B 208 -9.38 4.67 -5.53
C ASN B 208 -9.72 4.82 -7.02
N VAL B 209 -9.25 3.88 -7.84
CA VAL B 209 -9.46 3.98 -9.28
C VAL B 209 -10.82 3.42 -9.70
N LEU B 210 -11.22 2.27 -9.15
CA LEU B 210 -12.43 1.60 -9.66
C LEU B 210 -13.70 2.43 -9.53
N PRO B 211 -13.91 3.24 -8.49
CA PRO B 211 -15.15 4.05 -8.45
C PRO B 211 -15.28 5.02 -9.61
N GLU B 212 -14.18 5.49 -10.20
CA GLU B 212 -14.31 6.38 -11.34
C GLU B 212 -14.41 5.62 -12.67
N TYR B 213 -14.19 4.31 -12.68
CA TYR B 213 -14.19 3.56 -13.92
C TYR B 213 -15.56 3.59 -14.60
N ARG B 214 -15.54 3.76 -15.91
CA ARG B 214 -16.74 3.73 -16.73
C ARG B 214 -16.42 2.91 -17.97
N GLY B 215 -17.34 2.01 -18.33
CA GLY B 215 -17.21 1.09 -19.45
C GLY B 215 -16.16 1.34 -20.53
N VAL B 219 -8.81 -0.58 -17.21
CA VAL B 219 -8.04 0.23 -16.28
C VAL B 219 -6.75 -0.48 -15.96
N ARG B 220 -5.77 0.28 -15.48
CA ARG B 220 -4.49 -0.30 -15.12
C ARG B 220 -3.96 0.41 -13.88
N VAL B 221 -3.52 -0.39 -12.91
CA VAL B 221 -2.89 0.10 -11.67
C VAL B 221 -1.59 -0.68 -11.54
N GLY B 222 -0.46 0.00 -11.72
CA GLY B 222 0.81 -0.72 -11.71
C GLY B 222 0.81 -1.91 -12.67
N ARG B 223 1.16 -3.08 -12.13
CA ARG B 223 1.25 -4.29 -12.95
C ARG B 223 -0.09 -4.97 -13.15
N ILE B 224 -1.16 -4.43 -12.58
CA ILE B 224 -2.49 -5.02 -12.65
C ILE B 224 -3.27 -4.33 -13.76
N SER B 225 -3.70 -5.09 -14.76
CA SER B 225 -4.45 -4.54 -15.88
C SER B 225 -5.80 -5.22 -15.98
N PHE B 226 -6.85 -4.43 -16.15
CA PHE B 226 -8.19 -4.93 -16.43
C PHE B 226 -8.67 -4.35 -17.75
N ASN B 227 -8.91 -5.20 -18.73
CA ASN B 227 -9.27 -4.71 -20.05
C ASN B 227 -10.76 -4.48 -20.22
N ASN B 228 -11.60 -4.98 -19.30
CA ASN B 228 -13.03 -4.79 -19.43
C ASN B 228 -13.69 -5.08 -18.09
N ILE B 229 -15.00 -4.90 -18.05
CA ILE B 229 -15.76 -5.15 -16.82
C ILE B 229 -15.54 -6.59 -16.34
N SER B 230 -15.59 -7.55 -17.27
CA SER B 230 -15.49 -8.96 -16.88
C SER B 230 -14.16 -9.26 -16.21
N ALA B 231 -13.07 -8.64 -16.68
CA ALA B 231 -11.77 -8.83 -16.04
C ALA B 231 -11.75 -8.26 -14.62
N ILE B 232 -12.39 -7.11 -14.43
CA ILE B 232 -12.43 -6.52 -13.09
C ILE B 232 -13.15 -7.44 -12.12
N LEU B 233 -14.38 -7.85 -12.47
CA LEU B 233 -15.19 -8.69 -11.59
C LEU B 233 -14.51 -10.03 -11.29
N GLY B 234 -13.82 -10.58 -12.29
CA GLY B 234 -13.08 -11.80 -12.06
C GLY B 234 -11.96 -11.67 -11.04
N THR B 235 -11.56 -10.44 -10.72
CA THR B 235 -10.38 -10.17 -9.91
C THR B 235 -10.69 -9.53 -8.56
N VAL B 236 -11.53 -8.50 -8.52
CA VAL B 236 -11.70 -7.66 -7.34
C VAL B 236 -13.12 -7.83 -6.83
N ALA B 237 -13.25 -8.03 -5.52
CA ALA B 237 -14.57 -8.14 -4.91
C ALA B 237 -14.91 -6.98 -3.99
N VAL B 238 -13.98 -6.54 -3.14
CA VAL B 238 -14.27 -5.54 -2.12
C VAL B 238 -13.15 -4.52 -2.11
N ILE B 239 -13.50 -3.24 -2.08
CA ILE B 239 -12.52 -2.16 -2.06
C ILE B 239 -12.76 -1.24 -0.87
N LEU B 240 -11.70 -0.54 -0.48
CA LEU B 240 -11.77 0.52 0.52
C LEU B 240 -12.76 1.61 0.12
N ASN B 241 -13.26 2.32 1.13
CA ASN B 241 -14.16 3.46 0.94
C ASN B 241 -13.34 4.74 1.02
N CYS B 242 -12.93 5.27 -0.13
CA CYS B 242 -12.17 6.51 -0.20
C CYS B 242 -12.82 7.49 -1.18
#